data_8E5I
#
_entry.id   8E5I
#
_cell.length_a   95.298
_cell.length_b   95.298
_cell.length_c   87.602
_cell.angle_alpha   90.000
_cell.angle_beta   90.000
_cell.angle_gamma   90.000
#
_symmetry.space_group_name_H-M   'P 43 21 2'
#
loop_
_entity.id
_entity.type
_entity.pdbx_description
1 polymer 'Alkene reductase'
2 non-polymer 'FLAVIN MONONUCLEOTIDE'
3 non-polymer 1,2-ETHANEDIOL
4 non-polymer 'SODIUM ION'
5 non-polymer DI(HYDROXYETHYL)ETHER
6 water water
#
_entity_poly.entity_id   1
_entity_poly.type   'polypeptide(L)'
_entity_poly.pdbx_seq_one_letter_code
;MADLFTPVQLGALTLANRVLMAPLTRTRADADHVPTDLMVEHYAQRASAGLIIAEATMAMEGNSAFWREPGIYSEAQVSG
WKRVTDAVHAKGGKIFLQIWHGGRACHPLLNGGRVPVAPSAMAITNDEVHTPEGKKAYTVPRELADEEIPAIIEGFKVAA
ENAKRAGFDGVEVHGANGYLLDEFLRDGANHRKGPYGGPIENRARLLLDVLDVVTQVWGSDCVGVRLSPLNSFNSMKDSD
PIALVTWLAKRLNDFDLAYLHLMRADFLGEQQADVVTPVREHYRGHLMLNMGYTGVEANTVIASGQADSIAFGVPFLANP
DLPERLRNEVELNQADPATFYTQGPEGYIDYPTISELANA
;
_entity_poly.pdbx_strand_id   A
#
# COMPACT_ATOMS: atom_id res chain seq x y z
N ALA A 2 -1.66 -12.81 22.48
CA ALA A 2 -2.56 -12.75 21.33
C ALA A 2 -2.13 -13.68 20.24
N ASP A 3 -3.01 -13.97 19.28
CA ASP A 3 -2.55 -14.67 18.09
C ASP A 3 -3.37 -14.11 16.96
N LEU A 4 -3.31 -14.77 15.79
CA LEU A 4 -3.92 -14.21 14.60
C LEU A 4 -5.39 -13.97 14.77
N PHE A 5 -6.04 -14.74 15.65
CA PHE A 5 -7.48 -14.68 15.67
C PHE A 5 -8.01 -13.81 16.83
N THR A 6 -7.11 -13.12 17.56
CA THR A 6 -7.50 -12.22 18.62
C THR A 6 -7.91 -10.89 18.01
N PRO A 7 -9.07 -10.34 18.37
CA PRO A 7 -9.43 -9.00 17.88
C PRO A 7 -8.39 -7.99 18.32
N VAL A 8 -8.32 -6.88 17.58
CA VAL A 8 -7.29 -5.88 17.87
C VAL A 8 -7.90 -4.51 17.63
N GLN A 9 -7.47 -3.53 18.45
CA GLN A 9 -7.91 -2.17 18.23
C GLN A 9 -6.93 -1.54 17.26
N LEU A 10 -7.45 -0.78 16.30
CA LEU A 10 -6.60 -0.16 15.29
C LEU A 10 -7.22 1.21 15.06
N GLY A 11 -6.56 2.26 15.58
CA GLY A 11 -7.31 3.50 15.75
C GLY A 11 -8.44 3.28 16.73
N ALA A 12 -9.65 3.80 16.41
CA ALA A 12 -10.85 3.51 17.19
C ALA A 12 -11.71 2.41 16.58
N LEU A 13 -11.21 1.75 15.55
CA LEU A 13 -11.86 0.58 14.99
C LEU A 13 -11.53 -0.64 15.82
N THR A 14 -12.46 -1.60 15.85
CA THR A 14 -12.17 -2.92 16.40
C THR A 14 -12.11 -3.87 15.20
N LEU A 15 -10.94 -4.47 14.98
CA LEU A 15 -10.82 -5.46 13.90
C LEU A 15 -11.15 -6.82 14.52
N ALA A 16 -11.84 -7.65 13.74
CA ALA A 16 -12.27 -8.94 14.26
C ALA A 16 -11.10 -9.92 14.42
N ASN A 17 -10.03 -9.76 13.64
CA ASN A 17 -8.90 -10.69 13.69
C ASN A 17 -7.69 -9.91 13.19
N ARG A 18 -6.52 -10.55 13.20
CA ARG A 18 -5.30 -9.89 12.76
C ARG A 18 -4.79 -10.44 11.39
N VAL A 19 -5.69 -11.09 10.64
CA VAL A 19 -5.42 -11.63 9.29
C VAL A 19 -5.86 -10.52 8.34
N LEU A 20 -4.92 -9.69 7.93
CA LEU A 20 -5.31 -8.52 7.14
C LEU A 20 -4.99 -8.77 5.68
N MET A 21 -5.66 -8.07 4.81
CA MET A 21 -5.39 -8.20 3.38
C MET A 21 -4.53 -7.04 2.91
N ALA A 22 -3.30 -7.36 2.48
CA ALA A 22 -2.38 -6.34 1.97
C ALA A 22 -2.91 -5.72 0.67
N PRO A 23 -2.43 -4.52 0.32
CA PRO A 23 -2.92 -3.87 -0.93
C PRO A 23 -2.39 -4.62 -2.14
N LEU A 24 -3.26 -4.91 -3.10
CA LEU A 24 -2.88 -5.70 -4.28
C LEU A 24 -3.43 -5.06 -5.55
N THR A 25 -2.55 -4.40 -6.31
CA THR A 25 -2.88 -3.86 -7.64
C THR A 25 -3.32 -4.99 -8.58
N ARG A 26 -4.54 -4.91 -9.12
CA ARG A 26 -4.99 -5.98 -10.00
C ARG A 26 -5.48 -5.44 -11.33
N THR A 27 -5.44 -4.12 -11.49
CA THR A 27 -5.75 -3.43 -12.75
C THR A 27 -7.08 -3.89 -13.35
N ARG A 28 -8.12 -3.94 -12.50
CA ARG A 28 -9.47 -4.27 -12.98
C ARG A 28 -10.39 -3.06 -12.94
N ALA A 29 -9.84 -1.85 -12.77
CA ALA A 29 -10.67 -0.66 -12.93
C ALA A 29 -10.90 -0.39 -14.40
N ASP A 30 -11.85 0.49 -14.67
CA ASP A 30 -12.18 0.78 -16.05
C ASP A 30 -11.21 1.82 -16.63
N ALA A 31 -11.44 2.18 -17.92
CA ALA A 31 -10.49 3.05 -18.62
C ALA A 31 -10.42 4.45 -17.99
N ASP A 32 -11.47 4.90 -17.31
CA ASP A 32 -11.45 6.16 -16.57
C ASP A 32 -10.99 5.99 -15.13
N HIS A 33 -10.39 4.83 -14.81
CA HIS A 33 -9.89 4.53 -13.50
C HIS A 33 -11.01 4.50 -12.47
N VAL A 34 -12.21 4.12 -12.89
CA VAL A 34 -13.35 3.97 -11.97
C VAL A 34 -13.47 2.51 -11.54
N PRO A 35 -13.62 2.21 -10.23
CA PRO A 35 -13.90 0.84 -9.80
C PRO A 35 -15.12 0.25 -10.47
N THR A 36 -15.06 -1.05 -10.69
CA THR A 36 -16.01 -1.83 -11.48
C THR A 36 -16.79 -2.78 -10.58
N ASP A 37 -17.88 -3.33 -11.16
CA ASP A 37 -18.63 -4.42 -10.53
C ASP A 37 -17.70 -5.55 -10.08
N LEU A 38 -16.67 -5.89 -10.90
CA LEU A 38 -15.73 -6.95 -10.50
C LEU A 38 -15.03 -6.62 -9.20
N MET A 39 -14.54 -5.37 -9.02
CA MET A 39 -13.85 -5.03 -7.79
C MET A 39 -14.81 -5.10 -6.60
N VAL A 40 -16.07 -4.69 -6.77
CA VAL A 40 -17.03 -4.82 -5.66
C VAL A 40 -17.11 -6.26 -5.18
N GLU A 41 -17.28 -7.20 -6.12
CA GLU A 41 -17.40 -8.62 -5.76
C GLU A 41 -16.11 -9.13 -5.13
N HIS A 42 -14.95 -8.78 -5.72
CA HIS A 42 -13.67 -9.26 -5.22
C HIS A 42 -13.41 -8.85 -3.76
N TYR A 43 -13.62 -7.58 -3.44
CA TYR A 43 -13.39 -7.16 -2.05
C TYR A 43 -14.47 -7.73 -1.11
N ALA A 44 -15.71 -7.77 -1.56
CA ALA A 44 -16.78 -8.31 -0.69
C ALA A 44 -16.46 -9.75 -0.32
N GLN A 45 -15.90 -10.52 -1.27
CA GLN A 45 -15.54 -11.93 -1.01
C GLN A 45 -14.52 -12.05 0.13
N ARG A 46 -13.72 -11.00 0.35
CA ARG A 46 -12.61 -11.03 1.30
C ARG A 46 -12.93 -10.26 2.60
N ALA A 47 -14.18 -9.92 2.84
CA ALA A 47 -14.54 -9.07 3.97
C ALA A 47 -14.39 -9.76 5.34
N SER A 48 -14.12 -11.06 5.39
CA SER A 48 -13.77 -11.65 6.69
C SER A 48 -12.37 -11.26 7.18
N ALA A 49 -11.54 -10.67 6.35
CA ALA A 49 -10.28 -10.07 6.80
C ALA A 49 -10.54 -9.13 7.96
N GLY A 50 -9.59 -9.08 8.92
CA GLY A 50 -9.74 -8.08 9.97
C GLY A 50 -9.80 -6.68 9.39
N LEU A 51 -9.01 -6.43 8.37
CA LEU A 51 -8.96 -5.17 7.64
C LEU A 51 -8.55 -5.48 6.20
N ILE A 52 -9.22 -4.83 5.23
CA ILE A 52 -8.77 -4.89 3.83
C ILE A 52 -8.05 -3.59 3.56
N ILE A 53 -6.84 -3.64 3.01
CA ILE A 53 -6.21 -2.42 2.49
C ILE A 53 -6.38 -2.47 0.97
N ALA A 54 -7.19 -1.58 0.43
CA ALA A 54 -7.47 -1.62 -0.99
C ALA A 54 -6.25 -1.13 -1.75
N GLU A 55 -6.09 -1.62 -2.98
CA GLU A 55 -4.90 -1.45 -3.81
C GLU A 55 -4.52 0.03 -4.04
N ALA A 56 -3.26 0.22 -4.46
CA ALA A 56 -2.70 1.53 -4.80
C ALA A 56 -3.68 2.27 -5.73
N THR A 57 -4.08 3.46 -5.30
CA THR A 57 -5.12 4.20 -5.98
C THR A 57 -4.63 5.61 -6.26
N MET A 58 -4.74 6.02 -7.53
CA MET A 58 -4.13 7.27 -8.00
C MET A 58 -4.72 8.49 -7.26
N ALA A 59 -3.86 9.20 -6.55
CA ALA A 59 -4.31 10.35 -5.78
C ALA A 59 -4.65 11.52 -6.70
N MET A 60 -3.89 11.69 -7.78
CA MET A 60 -3.96 12.89 -8.60
C MET A 60 -4.08 12.47 -10.08
N GLU A 61 -4.91 13.17 -10.83
CA GLU A 61 -5.11 12.83 -12.24
C GLU A 61 -3.82 12.91 -13.07
N GLY A 62 -3.66 11.98 -14.02
CA GLY A 62 -2.56 12.03 -14.97
C GLY A 62 -1.27 11.37 -14.52
N ASN A 63 -1.34 10.43 -13.55
CA ASN A 63 -0.20 9.74 -12.98
C ASN A 63 -0.49 8.24 -12.98
N SER A 64 -0.72 7.69 -14.18
CA SER A 64 -0.93 6.24 -14.31
C SER A 64 0.43 5.53 -14.44
N ALA A 65 0.61 4.48 -13.64
CA ALA A 65 1.74 3.56 -13.80
C ALA A 65 1.33 2.17 -14.28
N PHE A 66 0.07 1.82 -14.15
CA PHE A 66 -0.35 0.45 -14.45
C PHE A 66 -1.49 0.36 -15.46
N TRP A 67 -1.84 1.46 -16.13
CA TRP A 67 -2.84 1.52 -17.19
C TRP A 67 -4.27 1.52 -16.66
N ARG A 68 -4.70 0.50 -15.92
CA ARG A 68 -6.09 0.40 -15.44
C ARG A 68 -6.18 0.34 -13.91
N GLU A 69 -5.35 1.12 -13.24
CA GLU A 69 -5.50 1.20 -11.79
C GLU A 69 -6.66 2.13 -11.45
N PRO A 70 -7.21 2.02 -10.25
CA PRO A 70 -8.28 2.96 -9.87
C PRO A 70 -7.70 4.30 -9.43
N GLY A 71 -8.59 5.30 -9.40
CA GLY A 71 -8.26 6.63 -8.92
C GLY A 71 -9.26 7.04 -7.84
N ILE A 72 -8.97 8.16 -7.21
CA ILE A 72 -9.85 8.67 -6.16
C ILE A 72 -9.88 10.19 -6.31
N TYR A 73 -9.61 10.68 -7.53
CA TYR A 73 -9.66 12.12 -7.75
C TYR A 73 -10.96 12.63 -8.39
N SER A 74 -11.81 11.79 -8.95
CA SER A 74 -12.97 12.24 -9.72
C SER A 74 -14.25 11.84 -9.01
N GLU A 75 -15.35 12.51 -9.39
CA GLU A 75 -16.62 12.19 -8.75
C GLU A 75 -17.08 10.78 -9.13
N ALA A 76 -16.85 10.36 -10.39
CA ALA A 76 -17.26 9.00 -10.74
C ALA A 76 -16.46 7.99 -9.97
N GLN A 77 -15.22 8.31 -9.66
CA GLN A 77 -14.42 7.37 -8.88
C GLN A 77 -14.92 7.28 -7.43
N VAL A 78 -15.31 8.41 -6.85
CA VAL A 78 -15.85 8.36 -5.50
C VAL A 78 -17.09 7.49 -5.47
N SER A 79 -17.99 7.67 -6.46
CA SER A 79 -19.22 6.86 -6.49
C SER A 79 -18.90 5.37 -6.71
N GLY A 80 -17.92 5.07 -7.58
CA GLY A 80 -17.53 3.68 -7.78
C GLY A 80 -16.94 3.05 -6.53
N TRP A 81 -16.06 3.78 -5.85
CA TRP A 81 -15.49 3.22 -4.62
C TRP A 81 -16.56 3.08 -3.54
N LYS A 82 -17.55 3.96 -3.52
CA LYS A 82 -18.60 3.82 -2.51
C LYS A 82 -19.33 2.48 -2.70
N ARG A 83 -19.47 1.99 -3.95
CA ARG A 83 -20.10 0.68 -4.14
C ARG A 83 -19.28 -0.41 -3.45
N VAL A 84 -17.94 -0.29 -3.55
CA VAL A 84 -17.03 -1.26 -2.94
C VAL A 84 -17.14 -1.21 -1.42
N THR A 85 -16.97 -0.01 -0.83
CA THR A 85 -16.99 0.07 0.63
C THR A 85 -18.35 -0.33 1.19
N ASP A 86 -19.47 0.03 0.52
CA ASP A 86 -20.76 -0.42 1.00
C ASP A 86 -20.87 -1.94 0.99
N ALA A 87 -20.34 -2.60 -0.04
CA ALA A 87 -20.44 -4.05 -0.09
C ALA A 87 -19.60 -4.70 1.01
N VAL A 88 -18.43 -4.13 1.29
CA VAL A 88 -17.59 -4.68 2.34
C VAL A 88 -18.25 -4.47 3.70
N HIS A 89 -18.83 -3.28 3.92
CA HIS A 89 -19.43 -3.02 5.23
C HIS A 89 -20.66 -3.85 5.45
N ALA A 90 -21.37 -4.19 4.37
CA ALA A 90 -22.60 -4.96 4.51
C ALA A 90 -22.29 -6.38 4.98
N LYS A 91 -21.06 -6.85 4.73
CA LYS A 91 -20.53 -8.10 5.25
C LYS A 91 -19.83 -7.91 6.59
N GLY A 92 -19.83 -6.71 7.14
CA GLY A 92 -19.22 -6.51 8.43
C GLY A 92 -17.72 -6.35 8.41
N GLY A 93 -17.11 -6.16 7.22
CA GLY A 93 -15.68 -5.90 7.14
C GLY A 93 -15.32 -4.45 7.29
N LYS A 94 -14.01 -4.20 7.25
CA LYS A 94 -13.42 -2.87 7.43
C LYS A 94 -12.46 -2.66 6.27
N ILE A 95 -12.34 -1.43 5.77
CA ILE A 95 -11.49 -1.27 4.56
C ILE A 95 -10.85 0.11 4.56
N PHE A 96 -9.54 0.15 4.31
CA PHE A 96 -8.81 1.41 4.15
C PHE A 96 -8.43 1.54 2.68
N LEU A 97 -8.17 2.76 2.22
CA LEU A 97 -7.73 2.95 0.81
C LEU A 97 -6.25 3.28 0.81
N GLN A 98 -5.44 2.57 0.02
CA GLN A 98 -4.02 3.01 -0.12
C GLN A 98 -3.94 4.15 -1.13
N ILE A 99 -3.50 5.38 -0.71
CA ILE A 99 -3.51 6.49 -1.67
C ILE A 99 -2.08 6.72 -2.11
N TRP A 100 -1.88 7.00 -3.39
CA TRP A 100 -0.58 6.72 -3.99
C TRP A 100 -0.29 7.72 -5.10
N HIS A 101 1.00 8.04 -5.26
CA HIS A 101 1.47 8.81 -6.43
C HIS A 101 2.62 8.06 -7.03
N GLY A 102 2.51 7.66 -8.29
CA GLY A 102 3.52 6.76 -8.85
C GLY A 102 4.89 7.40 -9.12
N GLY A 103 5.01 8.73 -9.10
CA GLY A 103 6.34 9.30 -9.26
C GLY A 103 6.96 8.89 -10.60
N ARG A 104 8.25 8.51 -10.58
CA ARG A 104 8.95 8.23 -11.85
C ARG A 104 8.55 6.93 -12.51
N ALA A 105 7.66 6.16 -11.87
CA ALA A 105 7.09 4.99 -12.53
C ALA A 105 5.92 5.32 -13.44
N CYS A 106 5.50 6.57 -13.50
CA CYS A 106 4.40 6.94 -14.42
C CYS A 106 4.94 7.20 -15.81
N HIS A 107 5.02 6.14 -16.63
CA HIS A 107 5.65 6.25 -17.93
C HIS A 107 4.89 7.22 -18.83
N PRO A 108 5.59 8.04 -19.59
CA PRO A 108 4.93 8.95 -20.53
C PRO A 108 3.92 8.28 -21.46
N LEU A 109 4.21 7.07 -21.89
CA LEU A 109 3.31 6.42 -22.85
C LEU A 109 2.00 6.02 -22.20
N LEU A 110 1.95 5.98 -20.89
CA LEU A 110 0.69 5.71 -20.19
C LEU A 110 -0.10 6.97 -19.87
N ASN A 111 0.46 8.14 -20.17
CA ASN A 111 -0.08 9.40 -19.68
C ASN A 111 -0.02 10.45 -20.77
N GLY A 112 -0.20 10.01 -22.01
CA GLY A 112 -0.29 10.89 -23.17
C GLY A 112 0.96 11.73 -23.40
N GLY A 113 2.14 11.22 -23.06
CA GLY A 113 3.38 11.94 -23.25
C GLY A 113 3.82 12.80 -22.08
N ARG A 114 3.01 12.96 -21.05
CA ARG A 114 3.40 13.75 -19.88
C ARG A 114 4.68 13.21 -19.23
N VAL A 115 5.62 14.09 -18.91
CA VAL A 115 6.85 13.71 -18.22
C VAL A 115 6.57 13.45 -16.73
N PRO A 116 6.90 12.28 -16.17
CA PRO A 116 6.63 12.07 -14.73
C PRO A 116 7.57 12.92 -13.86
N VAL A 117 7.19 13.05 -12.57
CA VAL A 117 7.97 13.84 -11.60
C VAL A 117 8.65 12.95 -10.58
N ALA A 118 9.69 13.51 -9.96
CA ALA A 118 10.52 12.74 -9.04
C ALA A 118 11.35 13.71 -8.21
N PRO A 119 11.97 13.25 -7.13
CA PRO A 119 12.87 14.15 -6.41
C PRO A 119 14.12 14.49 -7.19
N SER A 120 14.56 13.59 -8.09
CA SER A 120 15.74 13.83 -8.89
C SER A 120 15.51 13.22 -10.28
N ALA A 121 16.20 13.77 -11.27
CA ALA A 121 16.01 13.34 -12.67
C ALA A 121 16.90 12.12 -12.90
N MET A 122 16.40 10.96 -12.48
CA MET A 122 17.11 9.69 -12.64
C MET A 122 16.04 8.62 -12.91
N ALA A 123 16.23 7.80 -13.95
CA ALA A 123 15.21 6.83 -14.32
C ALA A 123 15.35 5.54 -13.50
N ILE A 124 14.24 4.80 -13.43
CA ILE A 124 14.27 3.40 -12.99
C ILE A 124 15.02 2.56 -14.01
N THR A 125 15.94 1.73 -13.53
CA THR A 125 16.67 0.91 -14.47
C THR A 125 16.59 -0.61 -14.27
N ASN A 126 16.06 -1.11 -13.15
CA ASN A 126 16.03 -2.54 -12.90
C ASN A 126 14.63 -3.16 -13.09
N ASP A 127 13.70 -2.44 -13.71
N ASP A 127 13.73 -2.46 -13.77
CA ASP A 127 12.42 -3.00 -14.13
CA ASP A 127 12.38 -2.94 -14.03
C ASP A 127 12.04 -2.41 -15.47
C ASP A 127 11.92 -2.28 -15.34
N GLU A 128 10.92 -2.90 -16.00
CA GLU A 128 10.36 -2.35 -17.25
C GLU A 128 8.84 -2.28 -17.14
N VAL A 129 8.23 -1.52 -18.05
CA VAL A 129 6.79 -1.26 -17.99
C VAL A 129 6.17 -1.92 -19.23
N HIS A 130 4.95 -2.42 -19.08
CA HIS A 130 4.40 -3.35 -20.07
C HIS A 130 3.63 -2.68 -21.21
N THR A 131 3.06 -1.49 -20.98
CA THR A 131 2.31 -0.71 -21.98
C THR A 131 1.69 -1.52 -23.14
N GLY A 134 4.48 -1.89 -26.14
CA GLY A 134 5.10 -3.09 -25.60
C GLY A 134 5.94 -2.86 -24.35
N LYS A 135 6.73 -3.87 -23.94
CA LYS A 135 7.66 -3.76 -22.82
C LYS A 135 8.72 -2.68 -23.07
N LYS A 136 8.77 -1.65 -22.20
CA LYS A 136 9.55 -0.46 -22.53
C LYS A 136 10.38 0.00 -21.33
N ALA A 137 11.57 0.54 -21.62
CA ALA A 137 12.39 1.12 -20.57
C ALA A 137 11.74 2.36 -19.97
N TYR A 138 11.89 2.52 -18.67
CA TYR A 138 11.44 3.73 -17.99
C TYR A 138 12.26 4.93 -18.49
N THR A 139 11.67 6.13 -18.37
CA THR A 139 12.24 7.38 -18.88
C THR A 139 12.77 8.21 -17.70
N VAL A 140 13.59 9.21 -18.03
CA VAL A 140 14.09 10.13 -17.01
C VAL A 140 12.97 11.06 -16.57
N PRO A 141 12.63 11.10 -15.28
CA PRO A 141 11.58 12.01 -14.78
C PRO A 141 12.14 13.42 -14.63
N ARG A 142 11.21 14.38 -14.51
CA ARG A 142 11.55 15.77 -14.25
C ARG A 142 11.77 15.91 -12.74
N GLU A 143 12.83 16.65 -12.33
CA GLU A 143 13.02 16.96 -10.90
C GLU A 143 11.99 18.00 -10.44
N LEU A 144 11.22 17.68 -9.41
CA LEU A 144 10.23 18.64 -8.89
C LEU A 144 10.94 19.85 -8.29
N ALA A 145 10.49 21.06 -8.63
CA ALA A 145 11.00 22.23 -7.92
C ALA A 145 10.40 22.29 -6.50
N ASP A 146 11.17 22.86 -5.55
CA ASP A 146 10.65 23.02 -4.19
C ASP A 146 9.28 23.68 -4.20
N GLU A 147 9.10 24.66 -5.09
CA GLU A 147 7.86 25.43 -5.13
C GLU A 147 6.68 24.61 -5.67
N GLU A 148 6.92 23.46 -6.31
CA GLU A 148 5.83 22.60 -6.76
C GLU A 148 5.40 21.58 -5.72
N ILE A 149 6.11 21.48 -4.62
CA ILE A 149 5.78 20.39 -3.71
C ILE A 149 4.48 20.68 -2.97
N PRO A 150 4.14 21.94 -2.67
CA PRO A 150 2.81 22.20 -2.08
C PRO A 150 1.64 21.63 -2.89
N ALA A 151 1.69 21.61 -4.24
CA ALA A 151 0.55 21.06 -4.98
C ALA A 151 0.47 19.56 -4.88
N ILE A 152 1.59 18.88 -4.64
CA ILE A 152 1.51 17.45 -4.41
C ILE A 152 0.88 17.17 -3.06
N ILE A 153 1.27 17.94 -2.04
CA ILE A 153 0.68 17.76 -0.72
C ILE A 153 -0.82 18.00 -0.79
N GLU A 154 -1.23 19.06 -1.50
CA GLU A 154 -2.65 19.35 -1.64
C GLU A 154 -3.36 18.23 -2.39
N GLY A 155 -2.69 17.65 -3.40
CA GLY A 155 -3.32 16.53 -4.07
C GLY A 155 -3.61 15.36 -3.17
N PHE A 156 -2.68 15.05 -2.23
CA PHE A 156 -2.95 13.98 -1.29
C PHE A 156 -4.08 14.36 -0.33
N LYS A 157 -4.12 15.63 0.07
CA LYS A 157 -5.23 16.06 0.95
C LYS A 157 -6.59 15.88 0.26
N VAL A 158 -6.69 16.26 -1.01
CA VAL A 158 -7.97 16.11 -1.71
C VAL A 158 -8.31 14.63 -1.90
N ALA A 159 -7.31 13.81 -2.21
CA ALA A 159 -7.53 12.35 -2.31
C ALA A 159 -8.07 11.79 -0.99
N ALA A 160 -7.51 12.25 0.12
CA ALA A 160 -7.94 11.78 1.43
C ALA A 160 -9.37 12.25 1.73
N GLU A 161 -9.73 13.46 1.34
CA GLU A 161 -11.11 13.91 1.53
C GLU A 161 -12.09 13.09 0.68
N ASN A 162 -11.66 12.77 -0.56
CA ASN A 162 -12.52 11.98 -1.43
C ASN A 162 -12.66 10.56 -0.90
N ALA A 163 -11.58 9.99 -0.34
CA ALA A 163 -11.66 8.65 0.25
C ALA A 163 -12.63 8.62 1.44
N LYS A 164 -12.65 9.69 2.23
CA LYS A 164 -13.66 9.76 3.29
C LYS A 164 -15.07 9.76 2.74
N ARG A 165 -15.35 10.59 1.71
CA ARG A 165 -16.67 10.62 1.10
C ARG A 165 -17.04 9.27 0.51
N ALA A 166 -16.06 8.50 0.01
CA ALA A 166 -16.37 7.20 -0.60
C ALA A 166 -16.62 6.11 0.45
N GLY A 167 -16.52 6.43 1.74
CA GLY A 167 -16.96 5.51 2.77
C GLY A 167 -15.88 4.60 3.31
N PHE A 168 -14.61 4.90 3.02
CA PHE A 168 -13.57 4.08 3.66
C PHE A 168 -13.51 4.32 5.17
N ASP A 169 -12.95 3.32 5.88
CA ASP A 169 -12.69 3.46 7.32
C ASP A 169 -11.39 4.23 7.62
N GLY A 170 -10.55 4.45 6.58
CA GLY A 170 -9.30 5.18 6.78
C GLY A 170 -8.49 5.09 5.49
N VAL A 171 -7.29 5.68 5.54
CA VAL A 171 -6.39 5.65 4.37
C VAL A 171 -5.00 5.17 4.79
N GLU A 172 -4.32 4.52 3.86
CA GLU A 172 -2.92 4.18 4.06
C GLU A 172 -2.11 5.01 3.08
N VAL A 173 -1.15 5.75 3.60
CA VAL A 173 -0.31 6.54 2.69
C VAL A 173 0.77 5.62 2.12
N HIS A 174 0.92 5.60 0.79
CA HIS A 174 1.86 4.68 0.12
C HIS A 174 3.27 5.30 0.16
N GLY A 175 4.07 4.91 1.13
CA GLY A 175 5.43 5.42 1.26
C GLY A 175 6.44 4.35 0.84
N ALA A 176 6.05 3.40 -0.05
CA ALA A 176 6.90 2.23 -0.27
C ALA A 176 7.07 1.97 -1.77
N ASN A 177 7.90 0.97 -2.03
CA ASN A 177 8.01 0.31 -3.35
C ASN A 177 8.45 1.23 -4.49
N GLY A 178 9.18 2.31 -4.19
CA GLY A 178 9.77 3.08 -5.26
C GLY A 178 8.86 4.14 -5.85
N TYR A 179 7.69 4.34 -5.28
CA TYR A 179 6.81 5.37 -5.82
C TYR A 179 7.18 6.72 -5.16
N LEU A 180 6.39 7.78 -5.38
CA LEU A 180 6.93 9.13 -5.21
C LEU A 180 7.45 9.36 -3.80
N LEU A 181 6.67 9.01 -2.77
CA LEU A 181 7.11 9.31 -1.40
C LEU A 181 8.35 8.52 -1.01
N ASP A 182 8.42 7.27 -1.44
CA ASP A 182 9.60 6.45 -1.14
C ASP A 182 10.81 6.96 -1.92
N GLU A 183 10.59 7.49 -3.15
CA GLU A 183 11.73 8.03 -3.91
C GLU A 183 12.38 9.20 -3.14
N PHE A 184 11.56 10.06 -2.52
CA PHE A 184 12.14 11.13 -1.70
C PHE A 184 12.81 10.59 -0.45
N LEU A 185 12.24 9.53 0.11
CA LEU A 185 12.72 9.02 1.40
C LEU A 185 14.11 8.41 1.29
N ARG A 186 14.39 7.66 0.21
CA ARG A 186 15.61 6.84 0.20
C ARG A 186 16.66 7.49 -0.68
N ASP A 187 17.89 7.50 -0.18
CA ASP A 187 18.87 8.35 -0.84
C ASP A 187 19.36 7.79 -2.16
N GLY A 188 19.02 6.55 -2.53
CA GLY A 188 19.49 6.14 -3.85
C GLY A 188 18.71 6.78 -4.97
N ALA A 189 17.53 7.28 -4.68
CA ALA A 189 16.73 7.96 -5.68
C ALA A 189 16.64 9.47 -5.45
N ASN A 190 16.99 9.92 -4.26
CA ASN A 190 16.88 11.35 -3.93
C ASN A 190 18.28 11.95 -3.79
N HIS A 191 18.74 12.64 -4.83
CA HIS A 191 20.03 13.34 -4.83
C HIS A 191 19.88 14.85 -4.69
N ARG A 192 18.68 15.31 -4.40
CA ARG A 192 18.47 16.74 -4.51
C ARG A 192 19.07 17.47 -3.33
N LYS A 193 19.24 18.78 -3.52
CA LYS A 193 19.66 19.66 -2.43
C LYS A 193 18.42 20.37 -1.88
N GLY A 194 18.62 21.18 -0.83
CA GLY A 194 17.54 21.93 -0.21
C GLY A 194 16.76 21.14 0.84
N PRO A 195 15.61 21.67 1.24
CA PRO A 195 14.93 21.15 2.43
C PRO A 195 14.31 19.77 2.27
N TYR A 196 14.19 19.23 1.05
CA TYR A 196 13.65 17.90 0.81
C TYR A 196 14.73 16.90 0.41
N GLY A 197 16.02 17.26 0.55
CA GLY A 197 17.10 16.33 0.28
C GLY A 197 18.19 16.41 1.32
N GLY A 198 19.10 15.42 1.26
CA GLY A 198 20.25 15.37 2.13
C GLY A 198 20.03 14.42 3.31
N PRO A 199 19.98 14.97 4.53
CA PRO A 199 19.86 14.11 5.71
C PRO A 199 18.49 13.45 5.77
N ILE A 200 18.41 12.40 6.61
CA ILE A 200 17.16 11.65 6.73
C ILE A 200 15.98 12.58 7.03
N GLU A 201 16.14 13.52 7.97
CA GLU A 201 14.96 14.33 8.29
C GLU A 201 14.46 15.11 7.07
N ASN A 202 15.36 15.56 6.19
CA ASN A 202 14.89 16.26 4.97
C ASN A 202 14.27 15.30 3.96
N ARG A 203 14.86 14.12 3.84
CA ARG A 203 14.33 13.16 2.87
C ARG A 203 12.95 12.66 3.29
N ALA A 204 12.69 12.61 4.60
CA ALA A 204 11.38 12.21 5.10
C ALA A 204 10.35 13.34 5.10
N ARG A 205 10.78 14.57 4.80
N ARG A 205 10.77 14.58 4.81
CA ARG A 205 9.90 15.73 4.92
CA ARG A 205 9.87 15.72 4.93
C ARG A 205 8.63 15.58 4.08
C ARG A 205 8.61 15.56 4.09
N LEU A 206 8.73 15.12 2.82
CA LEU A 206 7.53 15.03 1.98
C LEU A 206 6.54 14.00 2.56
N LEU A 207 7.03 12.81 2.92
CA LEU A 207 6.15 11.82 3.57
C LEU A 207 5.48 12.42 4.79
N LEU A 208 6.25 13.05 5.63
CA LEU A 208 5.67 13.62 6.86
C LEU A 208 4.68 14.76 6.57
N ASP A 209 4.97 15.61 5.56
CA ASP A 209 4.01 16.67 5.16
C ASP A 209 2.69 16.09 4.65
N VAL A 210 2.79 14.97 3.89
CA VAL A 210 1.58 14.25 3.46
C VAL A 210 0.84 13.67 4.68
N LEU A 211 1.56 13.01 5.58
CA LEU A 211 0.86 12.47 6.75
C LEU A 211 0.15 13.56 7.53
N ASP A 212 0.79 14.72 7.67
CA ASP A 212 0.17 15.87 8.36
C ASP A 212 -1.18 16.27 7.71
N VAL A 213 -1.21 16.44 6.38
CA VAL A 213 -2.49 16.89 5.79
C VAL A 213 -3.53 15.79 5.80
N VAL A 214 -3.11 14.53 5.62
CA VAL A 214 -4.10 13.47 5.58
C VAL A 214 -4.68 13.27 6.98
N THR A 215 -3.85 13.42 8.01
CA THR A 215 -4.37 13.34 9.38
C THR A 215 -5.30 14.52 9.69
N GLN A 216 -5.08 15.69 9.08
CA GLN A 216 -6.04 16.79 9.29
C GLN A 216 -7.42 16.43 8.78
N VAL A 217 -7.50 15.70 7.66
CA VAL A 217 -8.77 15.30 7.10
C VAL A 217 -9.45 14.26 7.98
N TRP A 218 -8.72 13.23 8.37
CA TRP A 218 -9.27 12.00 8.95
C TRP A 218 -9.21 11.93 10.48
N GLY A 219 -8.32 12.70 11.10
CA GLY A 219 -7.90 12.35 12.44
C GLY A 219 -6.82 11.27 12.29
N SER A 220 -5.79 11.36 13.10
CA SER A 220 -4.63 10.51 12.88
C SER A 220 -4.96 9.05 13.08
N ASP A 221 -5.98 8.70 13.97
CA ASP A 221 -6.19 7.28 14.27
C ASP A 221 -6.89 6.50 13.07
N CYS A 222 -7.05 7.19 11.94
CA CYS A 222 -7.58 6.57 10.75
C CYS A 222 -6.57 6.58 9.61
N VAL A 223 -5.32 6.90 9.88
CA VAL A 223 -4.29 6.98 8.83
C VAL A 223 -3.21 5.96 9.15
N GLY A 224 -2.84 5.14 8.18
CA GLY A 224 -1.68 4.28 8.27
C GLY A 224 -0.60 4.72 7.26
N VAL A 225 0.60 4.15 7.41
CA VAL A 225 1.64 4.41 6.41
C VAL A 225 2.31 3.09 6.09
N ARG A 226 2.64 2.90 4.81
CA ARG A 226 3.38 1.71 4.42
C ARG A 226 4.83 2.07 4.04
N LEU A 227 5.79 1.28 4.52
CA LEU A 227 7.21 1.54 4.26
C LEU A 227 7.88 0.25 3.80
N SER A 228 8.88 0.36 2.92
CA SER A 228 9.59 -0.83 2.44
C SER A 228 11.10 -0.53 2.42
N PRO A 229 11.74 -0.52 3.58
CA PRO A 229 13.13 0.00 3.64
C PRO A 229 14.17 -0.86 2.95
N LEU A 230 13.89 -2.12 2.66
CA LEU A 230 14.87 -2.99 2.02
C LEU A 230 14.47 -3.39 0.60
N ASN A 231 13.35 -2.87 0.08
CA ASN A 231 12.87 -3.36 -1.21
C ASN A 231 13.65 -2.71 -2.33
N SER A 232 14.26 -3.53 -3.19
CA SER A 232 15.03 -3.03 -4.32
C SER A 232 14.17 -2.72 -5.55
N PHE A 233 12.88 -3.06 -5.50
CA PHE A 233 11.98 -2.88 -6.64
C PHE A 233 12.03 -1.43 -7.12
N ASN A 234 12.00 -1.23 -8.44
CA ASN A 234 12.01 0.11 -9.07
C ASN A 234 13.26 0.88 -8.68
N SER A 235 14.41 0.17 -8.68
CA SER A 235 15.74 0.77 -8.53
C SER A 235 15.86 1.57 -7.25
N MET A 236 15.44 0.98 -6.16
CA MET A 236 15.44 1.66 -4.88
C MET A 236 16.54 1.09 -3.99
N LYS A 237 17.25 1.96 -3.30
CA LYS A 237 18.22 1.56 -2.29
C LYS A 237 18.36 2.72 -1.32
N ASP A 238 18.52 2.43 -0.04
CA ASP A 238 19.04 3.45 0.89
C ASP A 238 20.42 3.01 1.34
N SER A 239 21.34 3.97 1.52
CA SER A 239 22.68 3.57 1.92
C SER A 239 22.74 3.04 3.37
N ASP A 240 21.72 3.27 4.20
CA ASP A 240 21.75 2.79 5.59
C ASP A 240 20.33 2.55 6.05
N PRO A 241 19.72 1.43 5.63
CA PRO A 241 18.31 1.23 5.95
C PRO A 241 18.03 1.11 7.44
N ILE A 242 18.96 0.57 8.21
CA ILE A 242 18.75 0.48 9.65
C ILE A 242 18.62 1.88 10.27
N ALA A 243 19.52 2.79 9.92
CA ALA A 243 19.42 4.15 10.45
C ALA A 243 18.15 4.83 9.97
N LEU A 244 17.76 4.59 8.71
CA LEU A 244 16.53 5.16 8.15
C LEU A 244 15.29 4.71 8.92
N VAL A 245 15.16 3.40 9.16
CA VAL A 245 13.95 2.96 9.84
C VAL A 245 13.98 3.30 11.30
N THR A 246 15.16 3.37 11.90
CA THR A 246 15.23 3.76 13.31
C THR A 246 14.74 5.18 13.50
N TRP A 247 15.22 6.09 12.64
CA TRP A 247 14.79 7.49 12.72
C TRP A 247 13.29 7.60 12.50
N LEU A 248 12.77 6.90 11.48
CA LEU A 248 11.35 7.00 11.15
C LEU A 248 10.49 6.38 12.26
N ALA A 249 10.97 5.28 12.85
CA ALA A 249 10.22 4.63 13.93
C ALA A 249 10.07 5.59 15.10
N LYS A 250 11.12 6.33 15.42
CA LYS A 250 11.00 7.30 16.49
C LYS A 250 10.09 8.45 16.11
N ARG A 251 10.26 8.97 14.90
CA ARG A 251 9.57 10.20 14.54
C ARG A 251 8.07 9.96 14.32
N LEU A 252 7.71 8.82 13.74
CA LEU A 252 6.30 8.52 13.47
C LEU A 252 5.49 8.38 14.75
N ASN A 253 6.13 8.24 15.93
CA ASN A 253 5.31 8.30 17.15
C ASN A 253 4.56 9.61 17.27
N ASP A 254 5.13 10.67 16.72
CA ASP A 254 4.57 12.00 16.90
C ASP A 254 3.29 12.18 16.10
N PHE A 255 3.01 11.28 15.14
CA PHE A 255 1.84 11.42 14.29
C PHE A 255 0.63 10.63 14.78
N ASP A 256 0.75 9.83 15.86
CA ASP A 256 -0.41 9.08 16.45
C ASP A 256 -1.27 8.34 15.39
N LEU A 257 -0.58 7.61 14.53
CA LEU A 257 -1.18 6.92 13.39
C LEU A 257 -1.99 5.70 13.84
N ALA A 258 -2.88 5.25 12.95
CA ALA A 258 -3.55 3.97 13.12
C ALA A 258 -2.56 2.83 13.13
N TYR A 259 -1.53 2.89 12.28
CA TYR A 259 -0.52 1.82 12.24
C TYR A 259 0.64 2.21 11.36
N LEU A 260 1.71 1.44 11.52
CA LEU A 260 2.84 1.47 10.62
C LEU A 260 2.87 0.07 10.00
N HIS A 261 2.84 0.01 8.68
CA HIS A 261 2.81 -1.24 7.89
C HIS A 261 4.20 -1.39 7.28
N LEU A 262 4.97 -2.32 7.83
CA LEU A 262 6.38 -2.46 7.46
C LEU A 262 6.57 -3.70 6.59
N MET A 263 7.04 -3.53 5.37
CA MET A 263 7.44 -4.70 4.57
C MET A 263 8.84 -5.08 5.01
N ARG A 264 9.01 -6.31 5.46
CA ARG A 264 10.26 -6.64 6.17
C ARG A 264 11.45 -7.08 5.30
N ALA A 265 11.28 -7.26 4.00
CA ALA A 265 12.38 -7.81 3.22
C ALA A 265 12.40 -7.21 1.81
N ASP A 266 13.12 -7.87 0.90
CA ASP A 266 13.36 -7.32 -0.43
C ASP A 266 12.68 -8.26 -1.45
N PHE A 267 11.75 -7.72 -2.26
CA PHE A 267 11.18 -8.49 -3.39
C PHE A 267 12.25 -9.21 -4.17
N LEU A 268 13.39 -8.56 -4.38
CA LEU A 268 14.44 -9.10 -5.25
C LEU A 268 15.50 -9.87 -4.49
N GLY A 269 15.43 -9.87 -3.16
CA GLY A 269 16.32 -10.69 -2.36
C GLY A 269 17.74 -10.21 -2.32
N GLU A 270 17.99 -8.95 -2.67
CA GLU A 270 19.34 -8.39 -2.72
C GLU A 270 19.76 -7.69 -1.43
N GLN A 271 18.84 -7.01 -0.74
CA GLN A 271 19.16 -6.26 0.45
C GLN A 271 18.64 -7.00 1.67
N GLN A 272 19.51 -7.29 2.61
CA GLN A 272 19.10 -7.97 3.82
C GLN A 272 19.58 -7.20 5.03
N ALA A 273 18.71 -7.12 6.03
CA ALA A 273 19.00 -6.50 7.31
C ALA A 273 17.82 -6.85 8.21
N ASP A 274 18.03 -6.79 9.54
CA ASP A 274 16.90 -6.92 10.46
C ASP A 274 16.29 -5.53 10.70
N VAL A 275 15.22 -5.22 9.99
CA VAL A 275 14.58 -3.94 10.20
C VAL A 275 13.41 -4.09 11.19
N VAL A 276 12.95 -5.32 11.46
CA VAL A 276 11.78 -5.43 12.32
C VAL A 276 12.14 -5.11 13.77
N THR A 277 13.30 -5.59 14.23
CA THR A 277 13.65 -5.42 15.64
C THR A 277 13.76 -3.96 16.04
N PRO A 278 14.50 -3.10 15.33
CA PRO A 278 14.60 -1.71 15.77
C PRO A 278 13.31 -0.95 15.56
N VAL A 279 12.47 -1.32 14.56
CA VAL A 279 11.16 -0.66 14.42
C VAL A 279 10.26 -1.00 15.63
N ARG A 280 10.18 -2.28 16.02
CA ARG A 280 9.36 -2.61 17.19
C ARG A 280 9.90 -1.97 18.46
N GLU A 281 11.22 -1.81 18.59
CA GLU A 281 11.79 -1.27 19.82
C GLU A 281 11.43 0.20 19.99
N HIS A 282 11.38 0.96 18.88
CA HIS A 282 11.26 2.40 18.96
C HIS A 282 9.87 2.93 18.61
N TYR A 283 9.11 2.19 17.85
CA TYR A 283 7.75 2.61 17.46
C TYR A 283 6.79 2.13 18.54
N ARG A 284 6.04 3.05 19.14
CA ARG A 284 5.14 2.67 20.23
C ARG A 284 3.72 2.27 19.78
N GLY A 285 3.39 2.40 18.51
CA GLY A 285 2.06 2.21 18.00
C GLY A 285 1.84 0.80 17.46
N HIS A 286 0.82 0.67 16.62
CA HIS A 286 0.43 -0.62 16.07
C HIS A 286 1.36 -0.95 14.93
N LEU A 287 2.09 -2.07 15.04
CA LEU A 287 3.02 -2.52 13.99
C LEU A 287 2.38 -3.68 13.21
N MET A 288 2.14 -3.44 11.92
CA MET A 288 1.63 -4.42 10.97
C MET A 288 2.80 -4.88 10.13
N LEU A 289 3.09 -6.17 10.10
CA LEU A 289 4.21 -6.67 9.30
C LEU A 289 3.72 -7.41 8.06
N ASN A 290 4.56 -7.40 7.03
CA ASN A 290 4.25 -8.05 5.76
C ASN A 290 5.51 -8.62 5.14
N MET A 291 5.32 -9.72 4.39
CA MET A 291 6.19 -10.38 3.39
C MET A 291 6.52 -11.80 3.82
N GLY A 292 5.93 -12.78 3.13
CA GLY A 292 6.35 -14.15 3.32
C GLY A 292 5.88 -14.84 4.58
N TYR A 293 4.89 -14.28 5.29
CA TYR A 293 4.42 -14.91 6.53
C TYR A 293 3.49 -16.07 6.20
N THR A 294 3.74 -17.22 6.82
CA THR A 294 2.80 -18.34 6.88
C THR A 294 1.90 -18.16 8.10
N GLY A 295 0.89 -19.03 8.23
CA GLY A 295 0.03 -18.95 9.40
C GLY A 295 0.80 -19.23 10.68
N VAL A 296 1.72 -20.19 10.63
CA VAL A 296 2.45 -20.57 11.83
C VAL A 296 3.39 -19.43 12.25
N GLU A 297 4.12 -18.84 11.29
CA GLU A 297 5.05 -17.75 11.62
C GLU A 297 4.30 -16.54 12.14
N ALA A 298 3.18 -16.21 11.49
CA ALA A 298 2.38 -15.06 11.91
C ALA A 298 1.87 -15.24 13.34
N ASN A 299 1.39 -16.43 13.69
CA ASN A 299 0.98 -16.62 15.07
C ASN A 299 2.16 -16.45 16.00
N THR A 300 3.31 -16.99 15.60
CA THR A 300 4.48 -16.91 16.44
C THR A 300 4.86 -15.45 16.73
N VAL A 301 4.87 -14.60 15.71
CA VAL A 301 5.36 -13.26 15.93
C VAL A 301 4.33 -12.39 16.65
N ILE A 302 3.04 -12.64 16.48
CA ILE A 302 2.04 -11.93 17.28
C ILE A 302 2.11 -12.38 18.74
N ALA A 303 2.27 -13.68 18.96
CA ALA A 303 2.28 -14.18 20.32
C ALA A 303 3.53 -13.73 21.06
N SER A 304 4.65 -13.59 20.35
CA SER A 304 5.88 -13.09 20.97
C SER A 304 5.81 -11.60 21.27
N GLY A 305 4.81 -10.90 20.74
CA GLY A 305 4.69 -9.47 20.86
C GLY A 305 5.50 -8.70 19.85
N GLN A 306 6.00 -9.32 18.79
CA GLN A 306 6.86 -8.57 17.88
C GLN A 306 6.07 -7.79 16.85
N ALA A 307 4.83 -8.20 16.57
CA ALA A 307 3.95 -7.46 15.68
C ALA A 307 2.56 -7.48 16.29
N ASP A 308 1.74 -6.49 15.93
CA ASP A 308 0.36 -6.50 16.35
C ASP A 308 -0.56 -7.11 15.32
N SER A 309 -0.17 -7.09 14.05
CA SER A 309 -1.00 -7.71 13.01
C SER A 309 -0.12 -8.07 11.81
N ILE A 310 -0.67 -8.90 10.91
CA ILE A 310 0.07 -9.39 9.73
C ILE A 310 -0.79 -9.18 8.51
N ALA A 311 -0.20 -8.57 7.49
CA ALA A 311 -0.92 -8.38 6.24
C ALA A 311 -0.45 -9.46 5.30
N PHE A 312 -1.39 -10.17 4.68
CA PHE A 312 -1.08 -11.19 3.75
C PHE A 312 -1.42 -10.68 2.36
N GLY A 313 -0.53 -10.93 1.40
CA GLY A 313 -0.69 -10.51 0.02
C GLY A 313 -1.20 -11.67 -0.81
N VAL A 314 -0.28 -12.44 -1.47
CA VAL A 314 -0.70 -13.47 -2.39
C VAL A 314 -1.64 -14.49 -1.75
N PRO A 315 -1.48 -14.87 -0.47
CA PRO A 315 -2.41 -15.86 0.09
C PRO A 315 -3.84 -15.34 0.13
N PHE A 316 -4.05 -14.06 0.42
CA PHE A 316 -5.41 -13.50 0.41
C PHE A 316 -5.92 -13.27 -1.00
N LEU A 317 -5.04 -12.91 -1.94
CA LEU A 317 -5.42 -12.89 -3.36
C LEU A 317 -6.11 -14.20 -3.76
N ALA A 318 -5.49 -15.34 -3.38
CA ALA A 318 -5.93 -16.62 -3.85
C ALA A 318 -6.89 -17.32 -2.89
N ASN A 319 -7.15 -16.76 -1.71
CA ASN A 319 -8.03 -17.44 -0.74
C ASN A 319 -9.00 -16.43 -0.16
N PRO A 320 -10.23 -16.36 -0.66
CA PRO A 320 -11.19 -15.38 -0.14
C PRO A 320 -11.45 -15.58 1.33
N ASP A 321 -11.37 -16.82 1.80
CA ASP A 321 -11.63 -17.16 3.18
C ASP A 321 -10.34 -17.50 3.90
N LEU A 322 -9.26 -16.76 3.62
CA LEU A 322 -7.99 -17.01 4.30
C LEU A 322 -8.09 -17.07 5.82
N PRO A 323 -8.82 -16.19 6.50
CA PRO A 323 -8.85 -16.27 7.97
C PRO A 323 -9.40 -17.59 8.47
N GLU A 324 -10.45 -18.12 7.81
CA GLU A 324 -10.97 -19.41 8.23
C GLU A 324 -10.00 -20.53 7.89
N ARG A 325 -9.33 -20.44 6.74
CA ARG A 325 -8.38 -21.48 6.40
C ARG A 325 -7.24 -21.54 7.40
N LEU A 326 -6.69 -20.38 7.79
CA LEU A 326 -5.60 -20.36 8.75
C LEU A 326 -6.10 -20.80 10.11
N ARG A 327 -7.34 -20.44 10.46
CA ARG A 327 -7.89 -20.84 11.74
C ARG A 327 -7.95 -22.37 11.88
N ASN A 328 -8.38 -23.04 10.82
CA ASN A 328 -8.60 -24.47 10.81
C ASN A 328 -7.41 -25.27 10.27
N GLU A 329 -6.33 -24.61 9.87
CA GLU A 329 -5.13 -25.28 9.37
C GLU A 329 -5.48 -26.16 8.17
N VAL A 330 -6.17 -25.57 7.24
CA VAL A 330 -6.60 -26.16 5.99
C VAL A 330 -5.67 -25.68 4.88
N GLU A 331 -5.39 -26.54 3.90
CA GLU A 331 -4.52 -26.15 2.79
C GLU A 331 -5.05 -24.93 2.07
N LEU A 332 -4.12 -24.09 1.60
CA LEU A 332 -4.45 -22.87 0.87
C LEU A 332 -4.59 -23.12 -0.65
N ASN A 333 -5.50 -22.38 -1.30
CA ASN A 333 -5.49 -22.37 -2.78
C ASN A 333 -4.16 -21.81 -3.27
N GLN A 334 -3.72 -22.30 -4.42
CA GLN A 334 -2.48 -21.84 -5.04
C GLN A 334 -2.77 -20.65 -5.96
N ALA A 335 -1.96 -19.60 -5.86
CA ALA A 335 -2.14 -18.42 -6.70
C ALA A 335 -1.66 -18.68 -8.13
N ASP A 336 -2.33 -18.05 -9.10
CA ASP A 336 -1.88 -18.11 -10.50
C ASP A 336 -1.38 -16.73 -10.91
N PRO A 337 -0.06 -16.54 -10.96
CA PRO A 337 0.46 -15.20 -11.29
C PRO A 337 0.09 -14.74 -12.67
N ALA A 338 -0.25 -15.66 -13.56
CA ALA A 338 -0.63 -15.25 -14.90
C ALA A 338 -1.83 -14.31 -14.93
N THR A 339 -2.69 -14.33 -13.90
CA THR A 339 -3.86 -13.47 -13.95
C THR A 339 -3.78 -12.38 -12.91
N PHE A 340 -2.60 -12.11 -12.36
CA PHE A 340 -2.52 -10.99 -11.39
C PHE A 340 -3.00 -9.69 -12.05
N TYR A 341 -2.57 -9.43 -13.31
CA TYR A 341 -2.80 -8.12 -13.90
C TYR A 341 -3.60 -8.19 -15.19
N THR A 342 -4.34 -9.27 -15.45
CA THR A 342 -5.17 -9.34 -16.63
C THR A 342 -6.50 -8.65 -16.39
N GLN A 343 -7.34 -8.72 -17.38
CA GLN A 343 -8.68 -8.17 -17.29
C GLN A 343 -9.61 -9.31 -16.93
N GLY A 344 -10.73 -8.98 -16.35
CA GLY A 344 -11.80 -9.96 -16.28
C GLY A 344 -11.81 -10.73 -14.97
N PRO A 345 -12.83 -11.58 -14.85
CA PRO A 345 -13.04 -12.32 -13.59
C PRO A 345 -12.09 -13.48 -13.37
N GLU A 346 -11.58 -14.09 -14.45
CA GLU A 346 -10.69 -15.25 -14.28
C GLU A 346 -9.46 -14.89 -13.46
N GLY A 347 -9.20 -15.70 -12.43
CA GLY A 347 -8.12 -15.45 -11.52
C GLY A 347 -8.32 -14.24 -10.62
N TYR A 348 -9.56 -13.74 -10.53
CA TYR A 348 -9.84 -12.56 -9.71
C TYR A 348 -10.99 -12.87 -8.76
N ILE A 349 -12.15 -13.25 -9.27
CA ILE A 349 -13.28 -13.58 -8.37
C ILE A 349 -13.62 -15.05 -8.41
N ASP A 350 -12.80 -15.87 -9.04
CA ASP A 350 -13.17 -17.27 -9.11
C ASP A 350 -12.28 -18.21 -8.30
N TYR A 351 -11.48 -17.70 -7.39
CA TYR A 351 -10.82 -18.58 -6.44
C TYR A 351 -11.85 -19.09 -5.44
N PRO A 352 -11.94 -20.38 -5.18
CA PRO A 352 -13.02 -20.90 -4.33
C PRO A 352 -12.77 -20.76 -2.83
N THR A 353 -13.86 -20.68 -2.09
CA THR A 353 -13.84 -20.93 -0.66
C THR A 353 -13.69 -22.42 -0.37
N ILE A 354 -13.49 -22.74 0.93
CA ILE A 354 -13.53 -24.14 1.38
C ILE A 354 -14.83 -24.81 0.97
N SER A 355 -15.94 -24.15 1.21
CA SER A 355 -17.21 -24.84 1.00
C SER A 355 -17.53 -24.99 -0.48
N GLU A 356 -17.12 -24.01 -1.30
CA GLU A 356 -17.23 -24.20 -2.75
C GLU A 356 -16.35 -25.35 -3.21
N LEU A 357 -15.13 -25.44 -2.69
CA LEU A 357 -14.25 -26.55 -3.03
C LEU A 357 -14.94 -27.88 -2.77
N ALA A 358 -15.57 -28.01 -1.60
CA ALA A 358 -16.30 -29.23 -1.28
C ALA A 358 -17.41 -29.52 -2.28
N ASN A 359 -17.65 -28.60 -3.22
CA ASN A 359 -18.65 -28.61 -4.28
C ASN A 359 -20.03 -28.75 -3.67
N ALA A 360 -20.55 -27.65 -3.09
CA ALA A 360 -21.81 -27.58 -2.33
C ALA A 360 -22.36 -28.94 -2.00
#